data_6QEO
#
_entry.id   6QEO
#
_cell.length_a   50.740
_cell.length_b   57.714
_cell.length_c   74.656
_cell.angle_alpha   90.00
_cell.angle_beta   90.00
_cell.angle_gamma   90.00
#
_symmetry.space_group_name_H-M   'P 21 21 21'
#
loop_
_entity.id
_entity.type
_entity.pdbx_description
1 polymer 'Chymotrypsin-like elastase family member 1'
2 non-polymer '2-methyl-1-[[1-[(4-nitrophenyl)methyl]-1,2,3-triazol-4-yl]methylamino]-1-oxidanylidene-propane-2-sulfonic acid'
3 non-polymer 'PHOSPHATE ION'
4 non-polymer (4S)-2-METHYL-2,4-PENTANEDIOL
5 non-polymer 'SODIUM ION'
6 water water
#
_entity_poly.entity_id   1
_entity_poly.type   'polypeptide(L)'
_entity_poly.pdbx_seq_one_letter_code
;VVGGTEAQRNSWPSQISLQYRSGSSWAHTCGGTLIRQNWVMTAAHCVDRELTFRVVVGEHNLNQNDGTEQYVGVQKIVVH
PYWNTDDVAAGYDIALLRLAQSVTLNSYVQLGVLPRAGTILANNSPCYITGWGLTRTNGQLAQTLQQAYLPTVDYAICSS
SSYWGSTVKNSMVCAGGDGVRSGCQGDSGGPLHCLVNGQYAVHGVTSFVSRLGCNVTRKPTVFTRVSAYISWINNVIASN
;
_entity_poly.pdbx_strand_id   A
#
loop_
_chem_comp.id
_chem_comp.type
_chem_comp.name
_chem_comp.formula
J02 non-polymer '2-methyl-1-[[1-[(4-nitrophenyl)methyl]-1,2,3-triazol-4-yl]methylamino]-1-oxidanylidene-propane-2-sulfonic acid' 'C14 H17 N5 O6 S'
MPD non-polymer (4S)-2-METHYL-2,4-PENTANEDIOL 'C6 H14 O2'
NA non-polymer 'SODIUM ION' 'Na 1'
PO4 non-polymer 'PHOSPHATE ION' 'O4 P -3'
#
# COMPACT_ATOMS: atom_id res chain seq x y z
N VAL A 1 10.27 2.76 -2.57
CA VAL A 1 10.99 1.89 -1.64
C VAL A 1 12.46 2.26 -1.64
N VAL A 2 12.97 2.67 -0.48
CA VAL A 2 14.38 2.93 -0.29
C VAL A 2 15.05 1.65 0.19
N GLY A 3 16.22 1.34 -0.38
CA GLY A 3 16.96 0.17 0.06
C GLY A 3 16.30 -1.14 -0.33
N GLY A 4 15.50 -1.12 -1.38
CA GLY A 4 14.88 -2.33 -1.86
C GLY A 4 15.76 -3.06 -2.87
N THR A 5 15.18 -4.14 -3.39
CA THR A 5 15.71 -4.86 -4.54
C THR A 5 14.58 -4.96 -5.57
N GLU A 6 14.94 -5.18 -6.82
CA GLU A 6 13.93 -5.29 -7.86
C GLU A 6 13.14 -6.58 -7.69
N ALA A 7 11.81 -6.49 -7.64
CA ALA A 7 11.01 -7.69 -7.51
C ALA A 7 11.02 -8.51 -8.79
N GLN A 8 10.91 -9.82 -8.65
CA GLN A 8 10.67 -10.64 -9.83
C GLN A 8 9.27 -10.34 -10.37
N ARG A 9 9.10 -10.55 -11.67
CA ARG A 9 7.89 -10.13 -12.39
C ARG A 9 6.61 -10.72 -11.83
N ASN A 10 6.63 -11.97 -11.35
CA ASN A 10 5.41 -12.65 -10.93
C ASN A 10 5.28 -12.80 -9.41
N SER A 11 6.04 -12.02 -8.65
N SER A 11 6.04 -12.02 -8.64
CA SER A 11 6.11 -12.26 -7.22
CA SER A 11 6.11 -12.28 -7.21
C SER A 11 4.88 -11.73 -6.49
C SER A 11 4.95 -11.68 -6.42
N TRP A 12 4.41 -10.54 -6.85
CA TRP A 12 3.42 -9.79 -6.09
C TRP A 12 2.27 -9.42 -7.00
N PRO A 13 1.52 -10.41 -7.47
CA PRO A 13 0.54 -10.17 -8.53
C PRO A 13 -0.70 -9.41 -8.09
N SER A 14 -0.88 -9.13 -6.80
CA SER A 14 -1.98 -8.27 -6.37
C SER A 14 -1.60 -6.80 -6.32
N GLN A 15 -0.33 -6.46 -6.50
CA GLN A 15 0.08 -5.06 -6.49
C GLN A 15 -0.49 -4.35 -7.71
N ILE A 16 -1.04 -3.17 -7.49
CA ILE A 16 -1.49 -2.32 -8.59
C ILE A 16 -0.79 -0.96 -8.51
N SER A 17 -0.75 -0.28 -9.66
CA SER A 17 -0.32 1.11 -9.76
C SER A 17 -1.57 1.98 -9.95
N LEU A 18 -1.76 2.95 -9.06
CA LEU A 18 -2.84 3.91 -9.15
C LEU A 18 -2.27 5.17 -9.77
N GLN A 19 -2.84 5.58 -10.89
CA GLN A 19 -2.31 6.66 -11.70
C GLN A 19 -3.39 7.72 -11.93
N TYR A 20 -2.96 8.94 -12.16
CA TYR A 20 -3.89 10.01 -12.48
C TYR A 20 -3.49 10.66 -13.80
N ARG A 21 -4.48 11.25 -14.46
CA ARG A 21 -4.22 11.82 -15.76
C ARG A 21 -3.40 13.10 -15.62
N SER A 22 -2.36 13.21 -16.44
CA SER A 22 -1.39 14.30 -16.38
C SER A 22 -1.15 14.69 -17.84
N GLY A 23 -1.72 15.81 -18.26
CA GLY A 23 -1.63 16.24 -19.64
C GLY A 23 -2.30 15.24 -20.54
N SER A 24 -1.57 14.71 -21.51
CA SER A 24 -2.11 13.63 -22.32
C SER A 24 -1.55 12.28 -21.91
N SER A 25 -0.98 12.19 -20.72
CA SER A 25 -0.47 10.91 -20.23
C SER A 25 -0.93 10.69 -18.79
N TRP A 26 -0.20 9.83 -18.10
CA TRP A 26 -0.58 9.33 -16.78
C TRP A 26 0.64 9.42 -15.89
N ALA A 27 0.38 9.62 -14.60
CA ALA A 27 1.43 9.66 -13.60
C ALA A 27 1.08 8.72 -12.46
N HIS A 28 2.04 7.89 -12.07
CA HIS A 28 1.87 7.05 -10.89
C HIS A 28 1.86 7.91 -9.63
N THR A 29 0.86 7.67 -8.76
CA THR A 29 0.75 8.39 -7.50
C THR A 29 0.75 7.49 -6.28
N CYS A 30 0.29 6.25 -6.39
CA CYS A 30 0.14 5.39 -5.23
C CYS A 30 0.12 3.94 -5.69
N GLY A 31 0.38 3.05 -4.76
CA GLY A 31 0.05 1.66 -4.94
C GLY A 31 -1.36 1.34 -4.49
N GLY A 32 -1.68 0.04 -4.61
CA GLY A 32 -2.92 -0.52 -4.14
C GLY A 32 -2.80 -2.03 -4.21
N THR A 33 -3.84 -2.69 -3.71
CA THR A 33 -3.94 -4.15 -3.73
C THR A 33 -5.26 -4.55 -4.38
N LEU A 34 -5.19 -5.39 -5.41
CA LEU A 34 -6.38 -5.94 -6.02
C LEU A 34 -6.99 -6.94 -5.04
N ILE A 35 -8.23 -6.71 -4.61
CA ILE A 35 -8.86 -7.61 -3.65
C ILE A 35 -10.08 -8.36 -4.20
N ARG A 36 -10.71 -7.85 -5.25
CA ARG A 36 -11.67 -8.61 -6.06
C ARG A 36 -11.32 -8.27 -7.50
N GLN A 37 -11.90 -9.01 -8.46
CA GLN A 37 -11.59 -8.70 -9.84
C GLN A 37 -12.01 -7.28 -10.20
N ASN A 38 -12.93 -6.68 -9.44
CA ASN A 38 -13.38 -5.31 -9.69
C ASN A 38 -13.23 -4.38 -8.48
N TRP A 39 -12.35 -4.70 -7.53
CA TRP A 39 -12.10 -3.83 -6.40
C TRP A 39 -10.63 -3.77 -6.03
N VAL A 40 -10.17 -2.55 -5.76
CA VAL A 40 -8.82 -2.27 -5.28
C VAL A 40 -8.91 -1.61 -3.91
N MET A 41 -8.04 -2.06 -3.01
CA MET A 41 -7.83 -1.45 -1.71
C MET A 41 -6.61 -0.55 -1.77
N THR A 42 -6.77 0.71 -1.35
CA THR A 42 -5.69 1.70 -1.38
C THR A 42 -5.82 2.57 -0.12
N ALA A 43 -4.99 3.61 -0.03
CA ALA A 43 -5.07 4.57 1.06
C ALA A 43 -6.07 5.66 0.69
N ALA A 44 -6.86 6.10 1.68
CA ALA A 44 -7.75 7.23 1.47
C ALA A 44 -7.00 8.45 0.97
N HIS A 45 -5.81 8.71 1.49
CA HIS A 45 -5.16 9.96 1.11
C HIS A 45 -4.75 9.97 -0.35
N CYS A 46 -4.65 8.79 -0.97
CA CYS A 46 -4.30 8.73 -2.38
C CYS A 46 -5.37 9.33 -3.27
N VAL A 47 -6.61 9.43 -2.79
CA VAL A 47 -7.71 10.00 -3.58
C VAL A 47 -8.20 11.34 -2.99
N ASP A 48 -7.39 11.99 -2.15
CA ASP A 48 -7.79 13.29 -1.62
C ASP A 48 -7.97 14.33 -2.73
N ARG A 49 -7.17 14.27 -3.79
CA ARG A 49 -7.32 15.18 -4.92
C ARG A 49 -8.26 14.59 -5.95
N GLU A 50 -9.15 15.43 -6.46
CA GLU A 50 -10.20 14.99 -7.38
C GLU A 50 -9.66 15.06 -8.80
N LEU A 51 -9.24 13.90 -9.30
CA LEU A 51 -8.55 13.72 -10.56
C LEU A 51 -9.17 12.51 -11.24
N THR A 52 -8.88 12.36 -12.53
CA THR A 52 -9.21 11.11 -13.21
C THR A 52 -8.15 10.09 -12.84
N PHE A 53 -8.57 8.96 -12.32
CA PHE A 53 -7.69 7.88 -11.93
C PHE A 53 -7.85 6.70 -12.88
N ARG A 54 -6.77 5.92 -13.01
CA ARG A 54 -6.85 4.58 -13.56
C ARG A 54 -6.02 3.65 -12.70
N VAL A 55 -6.35 2.37 -12.78
CA VAL A 55 -5.61 1.30 -12.13
C VAL A 55 -4.92 0.47 -13.20
N VAL A 56 -3.65 0.12 -12.94
CA VAL A 56 -2.89 -0.78 -13.80
C VAL A 56 -2.57 -2.04 -12.99
N VAL A 57 -3.05 -3.19 -13.47
CA VAL A 57 -2.74 -4.48 -12.91
C VAL A 57 -1.72 -5.15 -13.84
N GLY A 58 -0.98 -6.11 -13.31
CA GLY A 58 0.03 -6.76 -14.12
C GLY A 58 1.18 -5.87 -14.52
N GLU A 59 1.40 -4.79 -13.78
CA GLU A 59 2.48 -3.85 -14.08
C GLU A 59 3.79 -4.30 -13.46
N HIS A 60 4.88 -3.97 -14.14
CA HIS A 60 6.20 -4.23 -13.60
C HIS A 60 7.14 -3.06 -13.86
N ASN A 61 7.32 -2.69 -15.13
CA ASN A 61 8.14 -1.56 -15.55
C ASN A 61 7.19 -0.45 -15.99
N LEU A 62 7.14 0.65 -15.24
CA LEU A 62 6.18 1.72 -15.53
C LEU A 62 6.41 2.34 -16.89
N ASN A 63 7.63 2.26 -17.43
CA ASN A 63 7.98 3.01 -18.63
C ASN A 63 7.93 2.18 -19.90
N GLN A 64 7.71 0.88 -19.81
CA GLN A 64 7.80 0.01 -20.96
C GLN A 64 6.63 -0.94 -20.98
N ASN A 65 6.21 -1.34 -22.17
CA ASN A 65 5.14 -2.32 -22.24
C ASN A 65 5.73 -3.70 -22.00
N ASP A 66 5.25 -4.35 -20.95
CA ASP A 66 5.68 -5.66 -20.50
C ASP A 66 4.90 -6.78 -21.17
N GLY A 67 3.79 -6.45 -21.84
CA GLY A 67 2.88 -7.43 -22.39
C GLY A 67 1.97 -8.10 -21.39
N THR A 68 1.93 -7.62 -20.16
CA THR A 68 1.15 -8.25 -19.11
C THR A 68 0.16 -7.30 -18.43
N GLU A 69 0.16 -6.03 -18.80
CA GLU A 69 -0.64 -5.03 -18.12
C GLU A 69 -2.09 -5.04 -18.58
N GLN A 70 -2.99 -4.75 -17.65
CA GLN A 70 -4.37 -4.37 -17.97
C GLN A 70 -4.66 -3.03 -17.32
N TYR A 71 -5.26 -2.12 -18.08
CA TYR A 71 -5.54 -0.76 -17.66
C TYR A 71 -7.05 -0.62 -17.53
N VAL A 72 -7.50 -0.09 -16.39
CA VAL A 72 -8.94 -0.01 -16.12
C VAL A 72 -9.28 1.28 -15.39
N GLY A 73 -10.44 1.84 -15.73
CA GLY A 73 -10.91 3.03 -15.07
C GLY A 73 -11.43 2.74 -13.67
N VAL A 74 -11.57 3.82 -12.91
CA VAL A 74 -12.13 3.78 -11.57
C VAL A 74 -13.55 4.33 -11.65
N GLN A 75 -14.50 3.49 -11.27
CA GLN A 75 -15.92 3.80 -11.41
C GLN A 75 -16.54 4.33 -10.13
N LYS A 76 -16.03 3.94 -8.96
CA LYS A 76 -16.54 4.46 -7.71
C LYS A 76 -15.43 4.45 -6.68
N ILE A 77 -15.38 5.50 -5.86
CA ILE A 77 -14.41 5.65 -4.78
C ILE A 77 -15.18 5.65 -3.47
N VAL A 78 -14.85 4.72 -2.58
CA VAL A 78 -15.47 4.66 -1.26
C VAL A 78 -14.36 4.82 -0.23
N VAL A 79 -14.25 5.99 0.34
CA VAL A 79 -13.29 6.28 1.40
C VAL A 79 -13.90 5.89 2.74
N HIS A 80 -13.06 5.49 3.67
CA HIS A 80 -13.59 5.22 5.00
C HIS A 80 -14.30 6.47 5.52
N PRO A 81 -15.53 6.35 6.03
CA PRO A 81 -16.29 7.55 6.42
C PRO A 81 -15.68 8.33 7.58
N TYR A 82 -14.74 7.75 8.32
CA TYR A 82 -14.09 8.47 9.41
C TYR A 82 -12.76 9.09 8.99
N TRP A 83 -12.36 8.92 7.74
CA TRP A 83 -11.12 9.52 7.25
C TRP A 83 -11.18 11.04 7.30
N ASN A 84 -10.11 11.65 7.80
CA ASN A 84 -9.97 13.10 7.87
C ASN A 84 -8.62 13.43 7.26
N THR A 85 -8.63 14.03 6.08
N THR A 85 -8.65 14.04 6.08
CA THR A 85 -7.39 14.35 5.39
CA THR A 85 -7.44 14.41 5.36
C THR A 85 -6.48 15.27 6.17
C THR A 85 -6.48 15.22 6.22
N ASP A 86 -7.00 16.04 7.11
CA ASP A 86 -6.17 16.91 7.94
C ASP A 86 -5.62 16.22 9.19
N ASP A 87 -5.89 14.92 9.36
CA ASP A 87 -5.51 14.19 10.58
C ASP A 87 -5.19 12.76 10.17
N VAL A 88 -4.13 12.58 9.37
N VAL A 88 -4.12 12.58 9.40
CA VAL A 88 -3.69 11.25 8.97
CA VAL A 88 -3.75 11.23 8.97
C VAL A 88 -3.41 10.38 10.19
C VAL A 88 -3.36 10.37 10.16
N ALA A 89 -2.87 10.99 11.24
CA ALA A 89 -2.51 10.25 12.44
C ALA A 89 -3.72 9.68 13.16
N ALA A 90 -4.94 10.16 12.85
CA ALA A 90 -6.10 9.56 13.49
C ALA A 90 -6.40 8.18 12.95
N GLY A 91 -5.84 7.85 11.78
CA GLY A 91 -6.09 6.59 11.12
C GLY A 91 -7.17 6.65 10.07
N TYR A 92 -7.80 5.50 9.82
CA TYR A 92 -8.85 5.37 8.81
C TYR A 92 -8.34 5.65 7.40
N ASP A 93 -7.03 5.48 7.18
CA ASP A 93 -6.42 5.79 5.88
C ASP A 93 -6.59 4.60 4.94
N ILE A 94 -7.83 4.44 4.46
CA ILE A 94 -8.16 3.30 3.62
C ILE A 94 -9.33 3.70 2.73
N ALA A 95 -9.30 3.19 1.49
CA ALA A 95 -10.34 3.45 0.52
C ALA A 95 -10.45 2.25 -0.41
N LEU A 96 -11.65 2.03 -0.92
CA LEU A 96 -11.91 0.97 -1.90
C LEU A 96 -12.33 1.62 -3.21
N LEU A 97 -11.76 1.12 -4.30
CA LEU A 97 -12.04 1.63 -5.64
C LEU A 97 -12.74 0.50 -6.39
N ARG A 98 -13.95 0.78 -6.85
CA ARG A 98 -14.62 -0.17 -7.73
C ARG A 98 -14.17 0.13 -9.15
N LEU A 99 -13.67 -0.89 -9.83
CA LEU A 99 -13.13 -0.75 -11.17
C LEU A 99 -14.25 -0.76 -12.21
N ALA A 100 -14.02 -0.05 -13.31
CA ALA A 100 -15.04 0.07 -14.34
C ALA A 100 -15.30 -1.26 -15.04
N GLN A 101 -14.32 -2.15 -15.05
CA GLN A 101 -14.47 -3.50 -15.60
C GLN A 101 -13.75 -4.45 -14.67
N SER A 102 -14.14 -5.71 -14.73
N SER A 102 -14.12 -5.72 -14.75
CA SER A 102 -13.43 -6.76 -13.99
CA SER A 102 -13.44 -6.77 -13.99
C SER A 102 -12.18 -7.14 -14.75
C SER A 102 -12.20 -7.23 -14.72
N VAL A 103 -11.06 -7.19 -14.04
CA VAL A 103 -9.80 -7.59 -14.64
C VAL A 103 -9.74 -9.11 -14.74
N THR A 104 -8.94 -9.60 -15.68
CA THR A 104 -8.73 -11.02 -15.88
C THR A 104 -7.55 -11.49 -15.04
N LEU A 105 -7.75 -12.58 -14.30
CA LEU A 105 -6.72 -13.11 -13.43
C LEU A 105 -5.81 -14.06 -14.22
N ASN A 106 -4.52 -14.04 -13.88
CA ASN A 106 -3.48 -14.86 -14.54
C ASN A 106 -2.24 -14.82 -13.64
N SER A 107 -1.09 -15.32 -14.12
CA SER A 107 0.05 -15.36 -13.21
C SER A 107 0.52 -13.97 -12.77
N TYR A 108 0.12 -12.92 -13.48
CA TYR A 108 0.55 -11.55 -13.18
C TYR A 108 -0.50 -10.75 -12.45
N VAL A 109 -1.72 -11.26 -12.32
CA VAL A 109 -2.87 -10.52 -11.82
C VAL A 109 -3.63 -11.49 -10.93
N GLN A 110 -3.55 -11.30 -9.62
CA GLN A 110 -4.20 -12.18 -8.67
C GLN A 110 -4.75 -11.35 -7.51
N LEU A 111 -5.73 -11.92 -6.81
CA LEU A 111 -6.29 -11.25 -5.65
C LEU A 111 -5.33 -11.33 -4.46
N GLY A 112 -5.20 -10.23 -3.74
CA GLY A 112 -4.44 -10.24 -2.51
C GLY A 112 -5.23 -10.91 -1.40
N VAL A 113 -4.54 -11.69 -0.61
CA VAL A 113 -5.17 -12.41 0.49
C VAL A 113 -5.15 -11.50 1.71
N LEU A 114 -6.33 -11.33 2.35
CA LEU A 114 -6.38 -10.46 3.52
C LEU A 114 -6.33 -11.30 4.79
N PRO A 115 -5.82 -10.71 5.87
CA PRO A 115 -5.74 -11.42 7.15
C PRO A 115 -7.12 -11.58 7.77
N ARG A 116 -7.22 -12.55 8.67
N ARG A 116 -7.22 -12.55 8.67
CA ARG A 116 -8.43 -12.67 9.47
CA ARG A 116 -8.42 -12.68 9.48
C ARG A 116 -8.61 -11.44 10.34
C ARG A 116 -8.60 -11.41 10.32
N ALA A 117 -9.86 -11.01 10.48
CA ALA A 117 -10.16 -9.83 11.26
C ALA A 117 -9.55 -9.94 12.66
N GLY A 118 -8.93 -8.85 13.10
CA GLY A 118 -8.36 -8.79 14.44
C GLY A 118 -6.92 -9.23 14.56
N THR A 119 -6.34 -9.80 13.50
CA THR A 119 -5.01 -10.37 13.61
C THR A 119 -3.99 -9.27 13.88
N ILE A 120 -3.15 -9.46 14.90
CA ILE A 120 -2.05 -8.57 15.22
C ILE A 120 -0.78 -9.41 15.17
N LEU A 121 0.23 -8.90 14.48
CA LEU A 121 1.46 -9.64 14.32
C LEU A 121 2.39 -9.41 15.51
N ALA A 122 3.09 -10.48 15.90
CA ALA A 122 4.14 -10.37 16.90
C ALA A 122 5.21 -9.39 16.43
N ASN A 123 5.88 -8.76 17.37
CA ASN A 123 7.00 -7.90 17.01
C ASN A 123 7.98 -8.66 16.14
N ASN A 124 8.55 -7.95 15.18
CA ASN A 124 9.59 -8.47 14.32
C ASN A 124 9.08 -9.55 13.36
N SER A 125 7.81 -9.50 12.97
CA SER A 125 7.28 -10.50 12.05
C SER A 125 7.74 -10.20 10.62
N PRO A 126 7.93 -11.25 9.81
CA PRO A 126 8.52 -11.05 8.48
C PRO A 126 7.50 -10.51 7.49
N CYS A 127 7.82 -9.35 6.91
CA CYS A 127 6.99 -8.72 5.91
C CYS A 127 7.86 -8.08 4.85
N TYR A 128 7.24 -7.83 3.69
CA TYR A 128 7.86 -7.10 2.59
C TYR A 128 6.94 -5.96 2.18
N ILE A 129 7.51 -4.77 2.00
CA ILE A 129 6.82 -3.68 1.31
C ILE A 129 7.16 -3.77 -0.17
N THR A 130 6.20 -3.45 -1.04
CA THR A 130 6.44 -3.37 -2.48
C THR A 130 5.89 -2.05 -3.00
N GLY A 131 6.50 -1.56 -4.08
CA GLY A 131 6.00 -0.37 -4.71
C GLY A 131 6.97 0.23 -5.70
N TRP A 132 6.46 1.24 -6.41
CA TRP A 132 7.25 2.04 -7.32
C TRP A 132 7.65 3.40 -6.73
N GLY A 133 7.48 3.58 -5.43
CA GLY A 133 7.80 4.84 -4.79
C GLY A 133 9.27 5.22 -4.85
N LEU A 134 9.57 6.41 -4.35
CA LEU A 134 10.91 6.94 -4.45
C LEU A 134 11.93 5.95 -3.90
N THR A 135 13.10 5.91 -4.54
CA THR A 135 14.17 5.00 -4.13
C THR A 135 15.15 5.66 -3.19
N ARG A 136 15.00 6.97 -2.93
N ARG A 136 14.94 6.94 -2.88
CA ARG A 136 15.75 7.70 -1.92
CA ARG A 136 15.75 7.70 -1.93
C ARG A 136 14.84 8.83 -1.46
C ARG A 136 14.88 8.87 -1.50
N THR A 137 15.05 9.29 -0.23
CA THR A 137 14.41 10.51 0.22
C THR A 137 14.72 11.62 -0.78
N ASN A 138 13.68 12.34 -1.20
CA ASN A 138 13.82 13.43 -2.15
C ASN A 138 14.32 12.98 -3.52
N GLY A 139 14.16 11.69 -3.83
CA GLY A 139 14.62 11.08 -5.06
C GLY A 139 13.53 11.00 -6.10
N GLN A 140 13.56 9.91 -6.87
CA GLN A 140 12.60 9.71 -7.95
C GLN A 140 11.99 8.32 -7.83
N LEU A 141 10.86 8.16 -8.51
CA LEU A 141 10.18 6.87 -8.53
C LEU A 141 11.05 5.78 -9.11
N ALA A 142 10.77 4.54 -8.71
CA ALA A 142 11.40 3.39 -9.33
C ALA A 142 10.72 3.09 -10.65
N GLN A 143 11.53 2.78 -11.66
CA GLN A 143 10.99 2.33 -12.94
C GLN A 143 10.37 0.95 -12.82
N THR A 144 11.01 0.05 -12.06
N THR A 144 11.01 0.05 -12.09
CA THR A 144 10.53 -1.32 -11.90
CA THR A 144 10.52 -1.31 -11.92
C THR A 144 10.16 -1.58 -10.44
C THR A 144 10.10 -1.52 -10.47
N LEU A 145 9.15 -2.44 -10.27
CA LEU A 145 8.62 -2.68 -8.94
C LEU A 145 9.73 -3.12 -8.00
N GLN A 146 9.78 -2.50 -6.82
CA GLN A 146 10.76 -2.79 -5.79
C GLN A 146 10.13 -3.51 -4.61
N GLN A 147 10.93 -4.29 -3.90
CA GLN A 147 10.53 -4.90 -2.64
C GLN A 147 11.62 -4.66 -1.61
N ALA A 148 11.22 -4.59 -0.34
CA ALA A 148 12.20 -4.56 0.73
C ALA A 148 11.65 -5.30 1.93
N TYR A 149 12.51 -6.05 2.60
CA TYR A 149 12.16 -6.74 3.84
C TYR A 149 12.07 -5.73 4.96
N LEU A 150 10.90 -5.67 5.59
CA LEU A 150 10.56 -4.68 6.60
C LEU A 150 9.82 -5.43 7.70
N PRO A 151 10.54 -5.92 8.70
CA PRO A 151 9.88 -6.63 9.79
C PRO A 151 9.07 -5.68 10.67
N THR A 152 8.01 -6.22 11.26
CA THR A 152 7.12 -5.33 12.00
C THR A 152 7.78 -4.81 13.26
N VAL A 153 7.29 -3.66 13.70
CA VAL A 153 7.59 -3.06 14.99
C VAL A 153 6.26 -2.95 15.72
N ASP A 154 6.11 -3.66 16.85
CA ASP A 154 4.79 -3.76 17.46
C ASP A 154 4.31 -2.43 18.05
N TYR A 155 3.03 -2.39 18.37
CA TYR A 155 2.40 -1.15 18.80
C TYR A 155 3.13 -0.55 20.01
N ALA A 156 3.47 -1.39 20.98
CA ALA A 156 4.10 -0.89 22.20
C ALA A 156 5.40 -0.14 21.89
N ILE A 157 6.23 -0.71 21.01
CA ILE A 157 7.46 -0.05 20.62
C ILE A 157 7.16 1.14 19.71
N CYS A 158 6.30 0.95 18.72
CA CYS A 158 6.12 1.97 17.71
C CYS A 158 5.50 3.25 18.25
N SER A 159 4.62 3.13 19.23
CA SER A 159 3.97 4.28 19.84
C SER A 159 4.71 4.81 21.06
N SER A 160 5.90 4.29 21.34
CA SER A 160 6.68 4.84 22.44
C SER A 160 7.33 6.15 21.98
N SER A 161 7.87 6.89 22.96
CA SER A 161 8.29 8.27 22.70
C SER A 161 9.48 8.36 21.75
N SER A 162 10.37 7.37 21.72
CA SER A 162 11.50 7.47 20.81
C SER A 162 11.18 7.02 19.39
N TYR A 163 10.00 6.46 19.15
CA TYR A 163 9.54 6.11 17.81
C TYR A 163 8.54 7.15 17.34
N TRP A 164 7.28 6.78 17.15
CA TRP A 164 6.27 7.72 16.67
C TRP A 164 5.40 8.32 17.77
N GLY A 165 5.52 7.85 19.01
CA GLY A 165 4.67 8.33 20.08
C GLY A 165 3.20 8.19 19.77
N SER A 166 2.41 9.17 20.22
CA SER A 166 0.96 9.09 20.14
C SER A 166 0.45 9.14 18.71
N THR A 167 1.31 9.48 17.75
CA THR A 167 0.87 9.55 16.36
C THR A 167 0.48 8.18 15.82
N VAL A 168 1.11 7.11 16.29
CA VAL A 168 0.76 5.76 15.86
C VAL A 168 -0.33 5.21 16.76
N LYS A 169 -1.34 4.65 16.13
CA LYS A 169 -2.52 4.08 16.77
C LYS A 169 -2.50 2.56 16.63
N ASN A 170 -3.30 1.90 17.45
CA ASN A 170 -3.38 0.45 17.37
C ASN A 170 -4.06 -0.04 16.09
N SER A 171 -4.69 0.85 15.34
CA SER A 171 -5.26 0.56 14.03
C SER A 171 -4.24 0.65 12.92
N MET A 172 -2.96 0.76 13.26
CA MET A 172 -1.87 0.81 12.30
C MET A 172 -0.86 -0.29 12.56
N VAL A 173 -0.09 -0.63 11.53
CA VAL A 173 1.06 -1.52 11.61
C VAL A 173 2.28 -0.69 11.30
N CYS A 174 3.33 -0.82 12.11
CA CYS A 174 4.64 -0.25 11.80
C CYS A 174 5.56 -1.34 11.28
N ALA A 175 6.44 -0.97 10.37
CA ALA A 175 7.43 -1.93 9.91
C ALA A 175 8.68 -1.22 9.44
N GLY A 176 9.83 -1.83 9.74
CA GLY A 176 11.12 -1.28 9.32
C GLY A 176 11.77 -0.42 10.39
N GLY A 177 12.19 0.77 9.99
CA GLY A 177 12.87 1.68 10.88
C GLY A 177 14.34 1.42 11.07
N ASP A 178 14.97 0.63 10.19
CA ASP A 178 16.39 0.35 10.35
C ASP A 178 17.31 1.44 9.82
N GLY A 179 16.77 2.51 9.25
CA GLY A 179 17.56 3.59 8.73
C GLY A 179 18.06 3.38 7.32
N VAL A 180 17.84 2.20 6.74
CA VAL A 180 18.32 1.86 5.41
C VAL A 180 17.17 1.54 4.46
N ARG A 181 16.20 0.75 4.93
CA ARG A 181 15.08 0.27 4.12
C ARG A 181 13.78 0.90 4.60
N SER A 182 12.91 1.29 3.65
CA SER A 182 11.66 1.93 4.04
C SER A 182 10.75 2.06 2.84
N GLY A 183 9.47 2.35 3.11
CA GLY A 183 8.63 2.97 2.11
C GLY A 183 9.03 4.42 1.87
N CYS A 184 8.53 4.97 0.77
CA CYS A 184 8.81 6.36 0.44
C CYS A 184 7.68 6.87 -0.44
N GLN A 185 7.72 8.17 -0.76
CA GLN A 185 6.63 8.76 -1.52
C GLN A 185 6.28 7.96 -2.76
N GLY A 186 4.99 7.72 -2.95
CA GLY A 186 4.51 6.92 -4.07
C GLY A 186 4.33 5.43 -3.77
N ASP A 187 4.82 4.96 -2.62
CA ASP A 187 4.49 3.61 -2.16
C ASP A 187 3.15 3.58 -1.44
N SER A 188 2.75 4.74 -0.89
CA SER A 188 1.48 4.91 -0.22
C SER A 188 0.36 4.22 -0.96
N GLY A 189 -0.54 3.61 -0.18
CA GLY A 189 -1.67 2.89 -0.73
C GLY A 189 -1.38 1.44 -1.05
N GLY A 190 -0.12 1.10 -1.24
CA GLY A 190 0.26 -0.25 -1.58
C GLY A 190 0.30 -1.17 -0.38
N PRO A 191 0.65 -2.44 -0.66
CA PRO A 191 0.62 -3.49 0.35
C PRO A 191 1.87 -3.57 1.21
N LEU A 192 1.67 -4.07 2.43
CA LEU A 192 2.70 -4.73 3.24
C LEU A 192 2.29 -6.19 3.29
N HIS A 193 3.12 -7.07 2.70
CA HIS A 193 2.83 -8.49 2.63
C HIS A 193 3.56 -9.18 3.78
N CYS A 194 2.85 -9.91 4.63
CA CYS A 194 3.47 -10.58 5.77
C CYS A 194 3.21 -12.07 5.71
N LEU A 195 4.23 -12.85 6.06
CA LEU A 195 4.16 -14.30 6.00
C LEU A 195 3.56 -14.83 7.28
N VAL A 196 2.40 -15.48 7.15
CA VAL A 196 1.67 -16.03 8.30
C VAL A 196 1.18 -17.42 7.89
N ASN A 197 1.55 -18.43 8.67
CA ASN A 197 1.16 -19.82 8.39
C ASN A 197 1.53 -20.26 6.97
N GLY A 198 2.70 -19.83 6.52
CA GLY A 198 3.22 -20.21 5.21
C GLY A 198 2.70 -19.42 4.02
N GLN A 199 1.81 -18.46 4.22
CA GLN A 199 1.17 -17.73 3.13
C GLN A 199 1.36 -16.24 3.38
N TYR A 200 1.68 -15.52 2.33
CA TYR A 200 1.71 -14.06 2.41
C TYR A 200 0.29 -13.52 2.36
N ALA A 201 0.01 -12.59 3.26
CA ALA A 201 -1.25 -11.86 3.25
C ALA A 201 -0.94 -10.38 3.40
N VAL A 202 -1.86 -9.55 2.93
CA VAL A 202 -1.67 -8.11 2.94
C VAL A 202 -2.18 -7.57 4.26
N HIS A 203 -1.25 -7.32 5.17
CA HIS A 203 -1.57 -6.82 6.50
C HIS A 203 -1.57 -5.31 6.60
N GLY A 204 -0.96 -4.61 5.65
CA GLY A 204 -0.86 -3.18 5.72
C GLY A 204 -1.18 -2.51 4.40
N VAL A 205 -1.69 -1.27 4.51
CA VAL A 205 -1.83 -0.31 3.41
C VAL A 205 -0.91 0.86 3.75
N THR A 206 0.11 1.08 2.94
CA THR A 206 1.10 2.11 3.26
C THR A 206 0.44 3.47 3.44
N SER A 207 0.69 4.10 4.58
CA SER A 207 0.00 5.33 4.95
C SER A 207 0.92 6.53 5.09
N PHE A 208 2.00 6.43 5.87
CA PHE A 208 2.88 7.58 5.99
C PHE A 208 4.30 7.20 6.37
N VAL A 209 5.21 8.13 6.05
CA VAL A 209 6.61 8.12 6.49
C VAL A 209 6.90 9.43 7.20
N SER A 210 8.07 9.49 7.83
CA SER A 210 8.50 10.71 8.52
C SER A 210 8.73 11.86 7.56
N ARG A 211 8.35 13.06 7.99
CA ARG A 211 8.70 14.24 7.21
C ARG A 211 10.20 14.50 7.24
N LEU A 212 10.93 13.85 8.14
CA LEU A 212 12.37 14.01 8.19
C LEU A 212 13.09 13.11 7.21
N GLY A 213 12.40 12.16 6.60
CA GLY A 213 13.00 11.30 5.61
C GLY A 213 12.28 9.97 5.56
N CYS A 214 12.42 9.29 4.42
CA CYS A 214 11.80 7.99 4.25
C CYS A 214 12.45 6.94 5.14
N ASN A 215 13.76 6.78 5.03
CA ASN A 215 14.50 5.80 5.83
C ASN A 215 15.17 6.55 6.98
N VAL A 216 14.52 6.52 8.14
CA VAL A 216 15.00 7.23 9.32
C VAL A 216 14.91 6.26 10.47
N THR A 217 16.01 6.12 11.21
CA THR A 217 16.06 5.19 12.32
C THR A 217 14.98 5.54 13.33
N ARG A 218 14.20 4.52 13.72
CA ARG A 218 13.13 4.64 14.70
C ARG A 218 11.93 5.44 14.20
N LYS A 219 11.84 5.64 12.88
N LYS A 219 11.83 5.64 12.89
CA LYS A 219 10.62 6.13 12.26
CA LYS A 219 10.61 6.15 12.26
C LYS A 219 10.24 5.09 11.21
C LYS A 219 10.19 5.12 11.21
N PRO A 220 9.78 3.93 11.64
CA PRO A 220 9.36 2.91 10.69
C PRO A 220 8.23 3.44 9.81
N THR A 221 8.11 2.81 8.64
CA THR A 221 6.98 3.08 7.76
C THR A 221 5.70 2.67 8.47
N VAL A 222 4.65 3.47 8.30
CA VAL A 222 3.39 3.24 9.00
C VAL A 222 2.31 2.89 7.98
N PHE A 223 1.54 1.86 8.31
CA PHE A 223 0.53 1.28 7.44
C PHE A 223 -0.79 1.23 8.18
N THR A 224 -1.89 1.43 7.44
CA THR A 224 -3.20 1.07 7.96
C THR A 224 -3.25 -0.43 8.20
N ARG A 225 -3.74 -0.83 9.38
CA ARG A 225 -3.81 -2.25 9.71
C ARG A 225 -5.05 -2.85 9.05
N VAL A 226 -4.85 -3.63 7.99
CA VAL A 226 -5.95 -4.17 7.21
C VAL A 226 -6.91 -4.97 8.08
N SER A 227 -6.36 -5.70 9.05
CA SER A 227 -7.19 -6.59 9.86
C SER A 227 -8.17 -5.85 10.77
N ALA A 228 -7.98 -4.54 10.97
CA ALA A 228 -8.94 -3.72 11.70
C ALA A 228 -10.16 -3.34 10.85
N TYR A 229 -10.12 -3.60 9.54
CA TYR A 229 -11.10 -3.09 8.59
C TYR A 229 -11.81 -4.17 7.78
N ILE A 230 -11.68 -5.45 8.19
CA ILE A 230 -12.26 -6.53 7.40
C ILE A 230 -13.77 -6.36 7.27
N SER A 231 -14.44 -6.08 8.38
CA SER A 231 -15.90 -5.92 8.31
C SER A 231 -16.28 -4.75 7.41
N TRP A 232 -15.56 -3.63 7.53
CA TRP A 232 -15.81 -2.46 6.70
C TRP A 232 -15.64 -2.81 5.23
N ILE A 233 -14.53 -3.46 4.88
CA ILE A 233 -14.28 -3.86 3.50
C ILE A 233 -15.42 -4.71 2.98
N ASN A 234 -15.79 -5.75 3.73
CA ASN A 234 -16.83 -6.64 3.26
C ASN A 234 -18.17 -5.93 3.17
N ASN A 235 -18.47 -5.03 4.11
CA ASN A 235 -19.72 -4.30 4.03
C ASN A 235 -19.77 -3.44 2.77
N VAL A 236 -18.64 -2.81 2.41
CA VAL A 236 -18.62 -1.98 1.22
C VAL A 236 -18.86 -2.84 -0.02
N ILE A 237 -18.13 -3.95 -0.13
CA ILE A 237 -18.24 -4.77 -1.33
C ILE A 237 -19.64 -5.32 -1.45
N ALA A 238 -20.23 -5.75 -0.34
CA ALA A 238 -21.56 -6.34 -0.38
C ALA A 238 -22.64 -5.33 -0.71
N SER A 239 -22.43 -4.05 -0.41
CA SER A 239 -23.47 -3.05 -0.62
C SER A 239 -23.25 -2.24 -1.90
N ASN A 240 -22.21 -2.54 -2.67
CA ASN A 240 -21.93 -1.86 -3.92
C ASN A 240 -21.64 -2.91 -5.01
C1 J02 B . -2.32 13.31 -4.78
C12 J02 B . 0.10 10.72 -2.23
C13 J02 B . -0.85 10.74 -3.24
C14 J02 B . 1.21 9.77 -2.02
C16 J02 B . 2.72 9.62 -0.25
C19 J02 B . 3.08 9.26 1.27
C2 J02 B . -1.81 14.58 -4.44
C20 J02 B . 1.95 9.76 2.24
C21 J02 B . 4.44 9.84 1.67
C3 J02 B . -1.40 15.48 -5.42
C4 J02 B . -1.48 15.10 -6.76
C5 J02 B . -1.98 13.86 -7.11
C6 J02 B . -2.37 12.98 -6.12
C8 J02 B . -2.77 12.33 -3.74
N1 J02 B . -1.03 16.12 -7.72
N10 J02 B . -1.16 12.40 -1.88
N11 J02 B . -0.15 11.76 -1.41
N15 J02 B . 1.45 9.51 -0.63
N9 J02 B . -1.66 11.78 -2.99
O1 J02 B . 3.63 7.10 2.66
O18 J02 B . 3.71 9.90 -0.97
O2 J02 B . -1.22 15.86 -9.03
O24 J02 B . 3.96 7.02 0.20
O3 J02 B . -0.49 17.29 -7.34
S22 J02 B . 3.22 7.49 1.33
P PO4 C . 22.11 9.15 -6.35
O1 PO4 C . 22.18 10.64 -6.19
O2 PO4 C . 21.97 8.77 -7.79
O3 PO4 C . 20.96 8.59 -5.54
O4 PO4 C . 23.38 8.56 -5.80
P PO4 D . 10.28 -13.50 -1.81
O1 PO4 D . 11.24 -12.58 -2.54
O2 PO4 D . 10.90 -14.88 -1.75
O3 PO4 D . 8.96 -13.56 -2.55
O4 PO4 D . 10.04 -12.99 -0.41
C1 MPD E . -14.49 15.16 -12.39
C2 MPD E . -14.12 14.23 -11.24
O2 MPD E . -14.21 12.87 -11.72
CM MPD E . -12.67 14.47 -10.82
C3 MPD E . -15.10 14.50 -10.10
C4 MPD E . -15.12 13.48 -8.96
O4 MPD E . -14.06 13.77 -8.06
C5 MPD E . -16.50 13.51 -8.29
NA NA F . 4.94 -1.86 -18.06
#